data_4Y5I
#
_entry.id   4Y5I
#
_cell.length_a   63.105
_cell.length_b   70.213
_cell.length_c   129.107
_cell.angle_alpha   90.000
_cell.angle_beta   90.000
_cell.angle_gamma   90.000
#
_symmetry.space_group_name_H-M   'P 21 21 21'
#
loop_
_entity.id
_entity.type
_entity.pdbx_description
1 polymer '14-3-3 protein sigma'
2 polymer 'Microtubule-associated protein tau'
3 non-polymer 'CHLORIDE ION'
4 water water
#
loop_
_entity_poly.entity_id
_entity_poly.type
_entity_poly.pdbx_seq_one_letter_code
_entity_poly.pdbx_strand_id
1 'polypeptide(L)'
;GAMGSMERASLIQKAKLAEQAERYEDMAAFMKGAVEKGEELSCEERNLLSVAYKNVVGGQRAAWRVLSSIEQKSNEEGSE
EKGPEVREYREKVETELQGVCDTVLGLLDSHLIKEAGDAESRVFYLKMKGDYYRYLAEVATGDDKKRIIDSARSAYQEAM
DISKKEMPPTNPIRLGLALNFSVFHYEIANSPEEAISLAKTTFDEAMADLHTLSEDSYKDSTLIMQLLRDNLTLWT
;
A,B
2 'polypeptide(L)' (ACE)RTP(SEP)LPT(PIP) F,G
#
# COMPACT_ATOMS: atom_id res chain seq x y z
N GLY A 1 -19.49 4.21 6.90
CA GLY A 1 -18.87 4.87 8.02
C GLY A 1 -19.79 5.89 8.67
N ALA A 2 -19.24 6.71 9.55
CA ALA A 2 -20.01 7.66 10.35
C ALA A 2 -20.66 8.78 9.54
N MET A 3 -20.18 9.00 8.31
CA MET A 3 -20.73 10.05 7.45
C MET A 3 -21.70 9.49 6.42
N GLY A 4 -21.88 8.17 6.43
CA GLY A 4 -22.68 7.49 5.44
C GLY A 4 -24.12 7.94 5.33
N SER A 5 -24.72 8.36 6.43
CA SER A 5 -26.12 8.76 6.40
CA SER A 5 -26.12 8.77 6.43
C SER A 5 -26.30 10.25 6.13
N MET A 6 -25.20 10.98 5.98
CA MET A 6 -25.31 12.42 5.76
C MET A 6 -25.29 12.77 4.27
N GLU A 7 -26.14 13.72 3.89
CA GLU A 7 -26.16 14.24 2.52
C GLU A 7 -24.80 14.80 2.09
N ARG A 8 -24.42 14.54 0.83
CA ARG A 8 -23.21 15.12 0.25
C ARG A 8 -23.15 16.64 0.47
N ALA A 9 -24.23 17.34 0.21
CA ALA A 9 -24.20 18.81 0.29
C ALA A 9 -24.00 19.26 1.72
N SER A 10 -24.54 18.49 2.67
CA SER A 10 -24.38 18.81 4.07
C SER A 10 -22.95 18.60 4.54
N LEU A 11 -22.31 17.55 4.03
CA LEU A 11 -20.91 17.30 4.33
C LEU A 11 -20.02 18.44 3.83
N ILE A 12 -20.30 18.94 2.63
CA ILE A 12 -19.53 20.05 2.06
CA ILE A 12 -19.49 20.04 2.10
C ILE A 12 -19.76 21.33 2.87
N GLN A 13 -21.01 21.58 3.22
CA GLN A 13 -21.36 22.74 4.03
C GLN A 13 -20.63 22.71 5.37
N LYS A 14 -20.65 21.54 6.03
CA LYS A 14 -19.98 21.41 7.32
C LYS A 14 -18.47 21.49 7.19
N ALA A 15 -17.90 21.01 6.08
CA ALA A 15 -16.46 21.20 5.85
C ALA A 15 -16.10 22.68 5.83
N LYS A 16 -16.95 23.50 5.20
CA LYS A 16 -16.71 24.94 5.14
C LYS A 16 -16.83 25.58 6.51
N LEU A 17 -17.79 25.13 7.31
CA LEU A 17 -17.93 25.64 8.68
C LEU A 17 -16.70 25.25 9.51
N ALA A 18 -16.24 24.01 9.34
CA ALA A 18 -15.08 23.53 10.08
C ALA A 18 -13.85 24.34 9.74
N GLU A 19 -13.68 24.72 8.47
CA GLU A 19 -12.57 25.57 8.09
C GLU A 19 -12.65 26.92 8.80
N GLN A 20 -13.84 27.51 8.85
CA GLN A 20 -14.03 28.79 9.54
C GLN A 20 -13.67 28.69 11.02
N ALA A 21 -13.95 27.54 11.63
CA ALA A 21 -13.65 27.32 13.04
C ALA A 21 -12.26 26.75 13.26
N GLU A 22 -11.50 26.58 12.17
CA GLU A 22 -10.14 26.02 12.20
C GLU A 22 -10.12 24.64 12.84
N ARG A 23 -11.16 23.87 12.55
CA ARG A 23 -11.28 22.50 13.02
C ARG A 23 -10.95 21.55 11.88
N TYR A 24 -9.66 21.40 11.61
CA TYR A 24 -9.26 20.76 10.37
C TYR A 24 -9.41 19.25 10.39
N GLU A 25 -9.32 18.62 11.57
CA GLU A 25 -9.59 17.20 11.67
CA GLU A 25 -9.60 17.19 11.66
C GLU A 25 -11.05 16.91 11.29
N ASP A 26 -11.97 17.72 11.82
CA ASP A 26 -13.38 17.59 11.46
C ASP A 26 -13.55 17.82 9.97
N MET A 27 -12.90 18.87 9.48
CA MET A 27 -13.01 19.24 8.08
C MET A 27 -12.59 18.08 7.17
N ALA A 28 -11.49 17.42 7.52
CA ALA A 28 -10.99 16.29 6.75
C ALA A 28 -12.00 15.14 6.76
N ALA A 29 -12.59 14.88 7.92
CA ALA A 29 -13.55 13.78 8.03
C ALA A 29 -14.80 14.06 7.19
N PHE A 30 -15.26 15.30 7.18
CA PHE A 30 -16.40 15.67 6.35
C PHE A 30 -16.07 15.51 4.86
N MET A 31 -14.88 15.96 4.46
CA MET A 31 -14.50 15.85 3.05
C MET A 31 -14.28 14.40 2.63
N LYS A 32 -13.76 13.57 3.52
CA LYS A 32 -13.63 12.15 3.23
C LYS A 32 -15.00 11.52 2.98
N GLY A 33 -15.96 11.87 3.83
CA GLY A 33 -17.34 11.43 3.64
C GLY A 33 -17.90 11.88 2.31
N ALA A 34 -17.60 13.12 1.92
CA ALA A 34 -18.08 13.62 0.64
C ALA A 34 -17.45 12.85 -0.53
N VAL A 35 -16.14 12.61 -0.47
CA VAL A 35 -15.49 11.83 -1.52
C VAL A 35 -16.13 10.44 -1.65
N GLU A 36 -16.49 9.85 -0.52
CA GLU A 36 -17.04 8.50 -0.51
C GLU A 36 -18.46 8.40 -1.09
N LYS A 37 -19.09 9.54 -1.38
CA LYS A 37 -20.38 9.51 -2.10
C LYS A 37 -20.20 9.08 -3.55
N GLY A 38 -18.95 9.12 -4.05
CA GLY A 38 -18.65 8.59 -5.37
C GLY A 38 -18.81 9.54 -6.55
N GLU A 39 -19.12 10.80 -6.27
CA GLU A 39 -19.18 11.80 -7.34
C GLU A 39 -17.84 12.53 -7.42
N GLU A 40 -17.50 13.04 -8.60
CA GLU A 40 -16.27 13.81 -8.74
C GLU A 40 -16.36 15.14 -7.98
N LEU A 41 -15.22 15.55 -7.43
CA LEU A 41 -15.11 16.83 -6.71
C LEU A 41 -14.94 17.97 -7.69
N SER A 42 -15.62 19.09 -7.41
CA SER A 42 -15.42 20.32 -8.14
C SER A 42 -14.07 20.94 -7.75
N CYS A 43 -13.67 21.97 -8.47
CA CYS A 43 -12.44 22.66 -8.13
C CYS A 43 -12.46 23.17 -6.68
N GLU A 44 -13.55 23.80 -6.28
CA GLU A 44 -13.68 24.29 -4.91
C GLU A 44 -13.60 23.14 -3.90
N GLU A 45 -14.27 22.03 -4.21
CA GLU A 45 -14.27 20.91 -3.29
C GLU A 45 -12.90 20.25 -3.18
N ARG A 46 -12.14 20.18 -4.28
CA ARG A 46 -10.77 19.66 -4.24
C ARG A 46 -9.93 20.48 -3.27
N ASN A 47 -10.12 21.79 -3.31
CA ASN A 47 -9.38 22.68 -2.43
C ASN A 47 -9.75 22.49 -0.97
N LEU A 48 -11.03 22.20 -0.70
CA LEU A 48 -11.46 21.90 0.67
C LEU A 48 -10.79 20.63 1.17
N LEU A 49 -10.79 19.59 0.34
CA LEU A 49 -10.16 18.33 0.71
C LEU A 49 -8.68 18.55 1.02
N SER A 50 -7.99 19.28 0.16
CA SER A 50 -6.55 19.49 0.29
CA SER A 50 -6.55 19.43 0.32
C SER A 50 -6.20 20.32 1.52
N VAL A 51 -6.92 21.41 1.76
N VAL A 51 -6.91 21.43 1.69
CA VAL A 51 -6.53 22.26 2.88
CA VAL A 51 -6.68 22.30 2.85
C VAL A 51 -6.81 21.57 4.21
C VAL A 51 -6.77 21.50 4.14
N ALA A 52 -7.83 20.71 4.26
CA ALA A 52 -8.13 19.96 5.47
C ALA A 52 -6.97 19.04 5.84
N TYR A 53 -6.61 18.15 4.92
CA TYR A 53 -5.56 17.19 5.22
C TYR A 53 -4.19 17.86 5.32
N LYS A 54 -3.97 18.94 4.57
CA LYS A 54 -2.71 19.69 4.68
C LYS A 54 -2.49 20.16 6.11
N ASN A 55 -3.53 20.67 6.74
CA ASN A 55 -3.40 21.17 8.09
C ASN A 55 -3.27 20.04 9.11
N VAL A 56 -4.00 18.95 8.91
CA VAL A 56 -3.86 17.80 9.81
C VAL A 56 -2.43 17.25 9.75
N VAL A 57 -1.95 16.92 8.56
CA VAL A 57 -0.62 16.35 8.42
CA VAL A 57 -0.60 16.34 8.53
C VAL A 57 0.46 17.38 8.80
N GLY A 58 0.17 18.66 8.57
CA GLY A 58 1.12 19.71 8.89
C GLY A 58 1.41 19.76 10.38
N GLY A 59 0.36 19.63 11.19
CA GLY A 59 0.56 19.61 12.63
C GLY A 59 1.35 18.40 13.07
N GLN A 60 1.07 17.25 12.46
CA GLN A 60 1.76 16.01 12.81
CA GLN A 60 1.76 16.01 12.81
C GLN A 60 3.24 16.07 12.41
N ARG A 61 3.52 16.59 11.21
CA ARG A 61 4.89 16.75 10.76
C ARG A 61 5.69 17.68 11.67
N ALA A 62 5.08 18.79 12.07
CA ALA A 62 5.79 19.73 12.94
C ALA A 62 6.08 19.07 14.28
N ALA A 63 5.12 18.31 14.80
CA ALA A 63 5.33 17.63 16.08
C ALA A 63 6.41 16.56 15.95
N TRP A 64 6.37 15.80 14.86
CA TRP A 64 7.35 14.77 14.60
C TRP A 64 8.77 15.36 14.54
N ARG A 65 8.91 16.52 13.91
CA ARG A 65 10.22 17.16 13.82
C ARG A 65 10.73 17.59 15.19
N VAL A 66 9.85 18.13 16.03
CA VAL A 66 10.24 18.50 17.40
C VAL A 66 10.73 17.28 18.18
N LEU A 67 9.96 16.21 18.13
CA LEU A 67 10.29 15.02 18.91
C LEU A 67 11.54 14.33 18.37
N SER A 68 11.68 14.31 17.05
CA SER A 68 12.87 13.74 16.42
CA SER A 68 12.87 13.72 16.44
C SER A 68 14.13 14.48 16.83
N SER A 69 14.04 15.81 16.91
CA SER A 69 15.17 16.64 17.32
C SER A 69 15.57 16.33 18.77
N ILE A 70 14.58 16.20 19.65
CA ILE A 70 14.83 15.87 21.04
C ILE A 70 15.48 14.49 21.14
N GLU A 71 14.98 13.56 20.34
CA GLU A 71 15.46 12.18 20.35
C GLU A 71 16.91 12.06 19.88
N GLN A 72 17.25 12.79 18.81
CA GLN A 72 18.61 12.70 18.29
C GLN A 72 19.60 13.40 19.23
N LYS A 73 19.14 14.42 19.95
CA LYS A 73 20.01 15.10 20.91
C LYS A 73 20.26 14.23 22.14
N SER A 74 19.27 13.41 22.48
CA SER A 74 19.41 12.47 23.59
C SER A 74 20.33 11.32 23.20
N ASN A 75 20.26 10.92 21.94
CA ASN A 75 21.14 9.87 21.43
C ASN A 75 22.52 10.42 21.10
N GLY A 83 15.52 6.86 29.29
CA GLY A 83 14.43 5.91 29.11
C GLY A 83 13.97 5.82 27.67
N PRO A 84 13.01 4.93 27.40
CA PRO A 84 12.46 4.74 26.07
C PRO A 84 11.39 5.76 25.70
N GLU A 85 11.07 6.68 26.61
CA GLU A 85 9.88 7.51 26.46
C GLU A 85 9.89 8.44 25.24
N VAL A 86 11.02 9.08 24.96
CA VAL A 86 11.07 9.97 23.79
C VAL A 86 10.87 9.19 22.50
N ARG A 87 11.55 8.04 22.38
CA ARG A 87 11.37 7.19 21.21
C ARG A 87 9.93 6.72 21.09
N GLU A 88 9.36 6.28 22.21
CA GLU A 88 7.99 5.77 22.19
C GLU A 88 7.02 6.84 21.70
N TYR A 89 7.17 8.05 22.19
CA TYR A 89 6.22 9.10 21.83
C TYR A 89 6.45 9.57 20.38
N ARG A 90 7.71 9.66 19.95
CA ARG A 90 8.00 9.97 18.55
C ARG A 90 7.37 8.91 17.65
N GLU A 91 7.49 7.64 18.05
CA GLU A 91 6.91 6.55 17.28
C GLU A 91 5.38 6.65 17.21
N LYS A 92 4.76 7.05 18.32
CA LYS A 92 3.30 7.23 18.36
CA LYS A 92 3.31 7.22 18.36
C LYS A 92 2.87 8.30 17.36
N VAL A 93 3.55 9.44 17.37
CA VAL A 93 3.21 10.51 16.47
C VAL A 93 3.48 10.10 15.03
N GLU A 94 4.60 9.41 14.80
CA GLU A 94 4.95 8.91 13.48
C GLU A 94 3.87 7.98 12.93
N THR A 95 3.39 7.06 13.76
CA THR A 95 2.37 6.12 13.32
CA THR A 95 2.36 6.11 13.32
C THR A 95 1.06 6.83 12.96
N GLU A 96 0.70 7.84 13.73
CA GLU A 96 -0.50 8.63 13.44
CA GLU A 96 -0.50 8.65 13.46
C GLU A 96 -0.35 9.38 12.12
N LEU A 97 0.82 9.96 11.90
CA LEU A 97 1.16 10.64 10.66
CA LEU A 97 1.13 10.65 10.65
C LEU A 97 1.03 9.70 9.46
N GLN A 98 1.62 8.52 9.58
CA GLN A 98 1.55 7.54 8.51
C GLN A 98 0.10 7.12 8.24
N GLY A 99 -0.70 7.03 9.29
CA GLY A 99 -2.09 6.66 9.15
C GLY A 99 -2.85 7.69 8.33
N VAL A 100 -2.61 8.97 8.57
CA VAL A 100 -3.29 10.00 7.81
C VAL A 100 -2.82 10.00 6.34
N CYS A 101 -1.52 9.85 6.12
CA CYS A 101 -1.01 9.76 4.74
C CYS A 101 -1.63 8.57 4.01
N ASP A 102 -1.74 7.43 4.70
CA ASP A 102 -2.35 6.25 4.08
C ASP A 102 -3.82 6.50 3.76
N THR A 103 -4.50 7.25 4.62
CA THR A 103 -5.91 7.59 4.38
C THR A 103 -6.04 8.43 3.11
N VAL A 104 -5.20 9.45 2.98
CA VAL A 104 -5.24 10.32 1.81
C VAL A 104 -4.88 9.55 0.53
N LEU A 105 -3.82 8.76 0.60
CA LEU A 105 -3.40 7.99 -0.56
C LEU A 105 -4.48 6.98 -0.96
N GLY A 106 -5.19 6.44 0.02
CA GLY A 106 -6.29 5.53 -0.23
C GLY A 106 -7.46 6.22 -0.91
N LEU A 107 -7.79 7.42 -0.48
CA LEU A 107 -8.85 8.19 -1.15
C LEU A 107 -8.48 8.50 -2.60
N LEU A 108 -7.23 8.90 -2.80
CA LEU A 108 -6.74 9.20 -4.14
C LEU A 108 -6.83 7.98 -5.04
N ASP A 109 -6.34 6.84 -4.57
CA ASP A 109 -6.30 5.67 -5.44
CA ASP A 109 -6.29 5.64 -5.40
C ASP A 109 -7.67 5.03 -5.62
N SER A 110 -8.46 4.99 -4.56
CA SER A 110 -9.76 4.31 -4.62
C SER A 110 -10.86 5.14 -5.27
N HIS A 111 -10.78 6.45 -5.16
CA HIS A 111 -11.90 7.29 -5.58
C HIS A 111 -11.57 8.39 -6.58
N LEU A 112 -10.39 9.00 -6.48
CA LEU A 112 -10.21 10.29 -7.16
C LEU A 112 -9.36 10.25 -8.41
N ILE A 113 -8.29 9.46 -8.40
CA ILE A 113 -7.41 9.40 -9.56
C ILE A 113 -8.03 8.51 -10.63
N LYS A 114 -8.14 9.05 -11.82
CA LYS A 114 -8.81 8.32 -12.89
C LYS A 114 -8.06 8.53 -14.19
N GLY A 117 -10.28 12.83 -15.54
CA GLY A 117 -10.37 13.15 -16.95
C GLY A 117 -9.72 14.47 -17.33
N ASP A 118 -10.24 15.56 -16.80
CA ASP A 118 -9.72 16.88 -17.15
C ASP A 118 -8.34 17.11 -16.55
N ALA A 119 -7.49 17.82 -17.26
CA ALA A 119 -6.11 18.00 -16.83
C ALA A 119 -6.02 18.62 -15.44
N GLU A 120 -6.89 19.59 -15.16
CA GLU A 120 -6.85 20.29 -13.89
C GLU A 120 -7.00 19.34 -12.71
N SER A 121 -7.99 18.45 -12.79
CA SER A 121 -8.21 17.51 -11.71
CA SER A 121 -8.23 17.48 -11.73
C SER A 121 -7.12 16.42 -11.69
N ARG A 122 -6.77 15.89 -12.86
CA ARG A 122 -5.78 14.81 -12.88
C ARG A 122 -4.44 15.26 -12.30
N VAL A 123 -3.98 16.44 -12.69
CA VAL A 123 -2.71 16.95 -12.19
C VAL A 123 -2.80 17.27 -10.70
N PHE A 124 -3.91 17.88 -10.28
CA PHE A 124 -4.11 18.16 -8.86
C PHE A 124 -3.96 16.90 -8.00
N TYR A 125 -4.62 15.82 -8.40
CA TYR A 125 -4.59 14.61 -7.59
C TYR A 125 -3.26 13.88 -7.66
N LEU A 126 -2.62 13.86 -8.83
CA LEU A 126 -1.31 13.23 -8.91
C LEU A 126 -0.24 14.01 -8.12
N LYS A 127 -0.33 15.34 -8.13
CA LYS A 127 0.54 16.15 -7.29
C LYS A 127 0.32 15.79 -5.82
N MET A 128 -0.94 15.71 -5.41
CA MET A 128 -1.28 15.33 -4.05
C MET A 128 -0.68 13.97 -3.69
N LYS A 129 -0.76 13.02 -4.62
CA LYS A 129 -0.19 11.70 -4.37
C LYS A 129 1.31 11.81 -4.15
N GLY A 130 1.99 12.59 -4.98
CA GLY A 130 3.41 12.83 -4.78
C GLY A 130 3.71 13.47 -3.42
N ASP A 131 2.92 14.47 -3.05
CA ASP A 131 3.10 15.16 -1.78
C ASP A 131 2.99 14.19 -0.59
N TYR A 132 1.95 13.35 -0.56
CA TYR A 132 1.75 12.51 0.61
C TYR A 132 2.73 11.33 0.64
N TYR A 133 3.19 10.82 -0.51
CA TYR A 133 4.31 9.90 -0.48
C TYR A 133 5.57 10.62 0.01
N ARG A 134 5.76 11.88 -0.38
CA ARG A 134 6.90 12.64 0.12
C ARG A 134 6.84 12.78 1.67
N TYR A 135 5.66 13.00 2.23
CA TYR A 135 5.55 13.10 3.69
C TYR A 135 5.88 11.74 4.34
N LEU A 136 5.47 10.64 3.71
CA LEU A 136 5.88 9.32 4.21
C LEU A 136 7.39 9.14 4.11
N ALA A 137 7.98 9.65 3.03
CA ALA A 137 9.43 9.51 2.84
C ALA A 137 10.21 10.25 3.92
N GLU A 138 9.67 11.38 4.40
CA GLU A 138 10.33 12.17 5.43
C GLU A 138 10.59 11.38 6.72
N VAL A 139 9.73 10.39 7.02
CA VAL A 139 9.88 9.64 8.27
C VAL A 139 10.32 8.19 8.04
N ALA A 140 10.55 7.82 6.79
CA ALA A 140 10.97 6.45 6.44
C ALA A 140 12.50 6.30 6.51
N THR A 141 13.00 5.07 6.54
CA THR A 141 14.45 4.87 6.67
C THR A 141 15.07 3.81 5.77
N GLY A 142 14.49 2.62 5.72
CA GLY A 142 15.16 1.49 5.11
C GLY A 142 15.10 1.44 3.60
N ASP A 143 15.08 0.22 3.08
CA ASP A 143 14.73 -0.02 1.68
C ASP A 143 13.33 0.49 1.44
N ASP A 144 12.56 0.51 2.54
CA ASP A 144 11.23 1.10 2.58
C ASP A 144 11.24 2.53 2.06
N LYS A 145 12.21 3.32 2.52
CA LYS A 145 12.34 4.70 2.05
C LYS A 145 12.57 4.75 0.55
N LYS A 146 13.44 3.87 0.03
CA LYS A 146 13.68 3.81 -1.42
C LYS A 146 12.40 3.62 -2.22
N ARG A 147 11.56 2.69 -1.78
CA ARG A 147 10.32 2.39 -2.49
C ARG A 147 9.36 3.58 -2.43
N ILE A 148 9.29 4.20 -1.27
CA ILE A 148 8.40 5.35 -1.09
C ILE A 148 8.86 6.52 -1.95
N ILE A 149 10.17 6.74 -2.02
CA ILE A 149 10.73 7.80 -2.85
C ILE A 149 10.38 7.56 -4.32
N ASP A 150 10.49 6.31 -4.77
CA ASP A 150 10.12 5.95 -6.14
C ASP A 150 8.63 6.23 -6.41
N SER A 151 7.77 5.91 -5.44
CA SER A 151 6.35 6.18 -5.60
C SER A 151 6.06 7.68 -5.70
N ALA A 152 6.72 8.49 -4.88
CA ALA A 152 6.55 9.94 -4.97
C ALA A 152 7.01 10.46 -6.33
N ARG A 153 8.19 10.02 -6.75
CA ARG A 153 8.76 10.46 -8.02
C ARG A 153 7.83 10.13 -9.17
N SER A 154 7.28 8.91 -9.16
CA SER A 154 6.44 8.44 -10.24
CA SER A 154 6.44 8.44 -10.25
C SER A 154 5.17 9.27 -10.35
N ALA A 155 4.57 9.59 -9.20
CA ALA A 155 3.35 10.41 -9.21
C ALA A 155 3.64 11.82 -9.70
N TYR A 156 4.68 12.45 -9.16
CA TYR A 156 5.07 13.78 -9.61
C TYR A 156 5.38 13.80 -11.10
N GLN A 157 6.08 12.78 -11.59
CA GLN A 157 6.48 12.76 -12.99
C GLN A 157 5.27 12.64 -13.91
N GLU A 158 4.31 11.81 -13.53
CA GLU A 158 3.11 11.69 -14.35
CA GLU A 158 3.07 11.68 -14.30
C GLU A 158 2.35 13.01 -14.37
N ALA A 159 2.26 13.68 -13.21
CA ALA A 159 1.62 14.99 -13.15
C ALA A 159 2.34 16.02 -14.02
N MET A 160 3.67 15.99 -13.99
CA MET A 160 4.49 16.90 -14.80
CA MET A 160 4.50 16.88 -14.80
C MET A 160 4.22 16.69 -16.29
N ASP A 161 4.19 15.44 -16.72
CA ASP A 161 3.99 15.12 -18.12
C ASP A 161 2.65 15.66 -18.64
N ILE A 162 1.60 15.46 -17.84
CA ILE A 162 0.30 15.97 -18.20
C ILE A 162 0.30 17.49 -18.21
N SER A 163 0.87 18.10 -17.18
CA SER A 163 0.82 19.55 -17.07
CA SER A 163 0.88 19.56 -17.05
C SER A 163 1.55 20.23 -18.24
N LYS A 164 2.64 19.66 -18.70
CA LYS A 164 3.38 20.29 -19.78
CA LYS A 164 3.43 20.20 -19.81
C LYS A 164 2.66 20.13 -21.12
N LYS A 165 1.86 19.08 -21.27
CA LYS A 165 1.10 18.86 -22.49
CA LYS A 165 1.12 18.87 -22.51
C LYS A 165 -0.22 19.62 -22.54
N GLU A 166 -0.86 19.79 -21.39
CA GLU A 166 -2.25 20.23 -21.34
CA GLU A 166 -2.24 20.24 -21.38
C GLU A 166 -2.50 21.59 -20.69
N MET A 167 -1.47 22.16 -20.08
CA MET A 167 -1.62 23.43 -19.36
C MET A 167 -0.62 24.48 -19.80
N PRO A 168 -1.01 25.76 -19.77
CA PRO A 168 -0.02 26.81 -20.05
C PRO A 168 1.01 26.91 -18.94
N PRO A 169 2.20 27.46 -19.25
CA PRO A 169 3.29 27.49 -18.27
C PRO A 169 3.00 28.38 -17.06
N THR A 170 1.98 29.22 -17.13
CA THR A 170 1.60 30.07 -16.00
C THR A 170 0.50 29.49 -15.13
N ASN A 171 -0.05 28.35 -15.54
CA ASN A 171 -1.14 27.72 -14.79
CA ASN A 171 -1.13 27.72 -14.79
C ASN A 171 -0.70 27.50 -13.34
N PRO A 172 -1.48 28.02 -12.38
CA PRO A 172 -1.06 27.90 -10.98
C PRO A 172 -0.92 26.47 -10.47
N ILE A 173 -1.74 25.52 -10.94
CA ILE A 173 -1.58 24.13 -10.54
CA ILE A 173 -1.58 24.12 -10.55
C ILE A 173 -0.25 23.59 -11.06
N ARG A 174 0.07 23.90 -12.31
CA ARG A 174 1.34 23.49 -12.91
C ARG A 174 2.52 24.10 -12.14
N LEU A 175 2.43 25.37 -11.80
CA LEU A 175 3.51 26.04 -11.07
C LEU A 175 3.73 25.41 -9.69
N GLY A 176 2.63 25.16 -8.97
CA GLY A 176 2.74 24.59 -7.64
C GLY A 176 3.29 23.18 -7.67
N LEU A 177 2.92 22.43 -8.70
CA LEU A 177 3.48 21.10 -8.91
C LEU A 177 4.99 21.18 -9.10
N ALA A 178 5.44 22.09 -9.96
CA ALA A 178 6.87 22.23 -10.20
C ALA A 178 7.61 22.63 -8.93
N LEU A 179 7.01 23.52 -8.15
CA LEU A 179 7.59 23.91 -6.88
CA LEU A 179 7.58 23.91 -6.87
C LEU A 179 7.79 22.70 -5.97
N ASN A 180 6.75 21.90 -5.79
CA ASN A 180 6.86 20.78 -4.86
C ASN A 180 7.76 19.66 -5.40
N PHE A 181 7.74 19.42 -6.71
CA PHE A 181 8.60 18.39 -7.30
C PHE A 181 10.06 18.83 -7.15
N SER A 182 10.32 20.13 -7.31
CA SER A 182 11.66 20.67 -7.09
CA SER A 182 11.70 20.60 -7.12
C SER A 182 12.11 20.46 -5.64
N VAL A 183 11.19 20.71 -4.70
CA VAL A 183 11.50 20.48 -3.29
C VAL A 183 11.78 18.99 -3.04
N PHE A 184 11.00 18.11 -3.67
CA PHE A 184 11.28 16.67 -3.63
C PHE A 184 12.70 16.36 -4.08
N HIS A 185 13.10 16.94 -5.21
CA HIS A 185 14.44 16.68 -5.72
C HIS A 185 15.51 17.11 -4.73
N TYR A 186 15.31 18.28 -4.14
CA TYR A 186 16.32 18.86 -3.25
C TYR A 186 16.37 18.17 -1.89
N GLU A 187 15.20 17.97 -1.28
CA GLU A 187 15.13 17.53 0.11
C GLU A 187 15.04 16.02 0.31
N ILE A 188 14.52 15.31 -0.68
CA ILE A 188 14.24 13.89 -0.53
C ILE A 188 15.14 13.02 -1.40
N ALA A 189 15.31 13.42 -2.66
CA ALA A 189 15.96 12.57 -3.65
C ALA A 189 17.45 12.86 -3.83
N ASN A 190 17.99 13.75 -3.01
CA ASN A 190 19.43 14.06 -3.07
C ASN A 190 19.87 14.51 -4.45
N SER A 191 19.04 15.34 -5.08
CA SER A 191 19.29 15.82 -6.43
CA SER A 191 19.29 15.82 -6.43
C SER A 191 19.15 17.34 -6.52
N PRO A 192 20.03 18.08 -5.82
CA PRO A 192 19.88 19.53 -5.84
C PRO A 192 20.06 20.15 -7.23
N GLU A 193 20.89 19.57 -8.08
CA GLU A 193 21.04 20.13 -9.42
C GLU A 193 19.73 20.03 -10.21
N GLU A 194 19.04 18.91 -10.09
CA GLU A 194 17.76 18.74 -10.78
C GLU A 194 16.72 19.68 -10.19
N ALA A 195 16.76 19.87 -8.87
CA ALA A 195 15.86 20.81 -8.20
C ALA A 195 16.03 22.23 -8.74
N ILE A 196 17.27 22.66 -8.82
CA ILE A 196 17.58 24.00 -9.28
C ILE A 196 17.19 24.19 -10.74
N SER A 197 17.50 23.20 -11.58
CA SER A 197 17.15 23.27 -13.00
CA SER A 197 17.16 23.29 -13.00
C SER A 197 15.64 23.37 -13.19
N LEU A 198 14.89 22.56 -12.46
CA LEU A 198 13.45 22.56 -12.60
CA LEU A 198 13.44 22.55 -12.58
C LEU A 198 12.85 23.88 -12.16
N ALA A 199 13.30 24.43 -11.03
CA ALA A 199 12.75 25.68 -10.55
C ALA A 199 13.08 26.82 -11.51
N LYS A 200 14.30 26.82 -12.04
CA LYS A 200 14.76 27.85 -12.98
CA LYS A 200 14.72 27.88 -12.96
C LYS A 200 13.94 27.84 -14.27
N THR A 201 13.87 26.67 -14.91
CA THR A 201 13.16 26.60 -16.19
C THR A 201 11.67 26.89 -16.01
N THR A 202 11.09 26.44 -14.91
CA THR A 202 9.69 26.73 -14.64
C THR A 202 9.44 28.23 -14.48
N PHE A 203 10.29 28.87 -13.69
CA PHE A 203 10.17 30.31 -13.47
C PHE A 203 10.31 31.06 -14.79
N ASP A 204 11.31 30.71 -15.58
CA ASP A 204 11.60 31.44 -16.80
C ASP A 204 10.51 31.27 -17.85
N GLU A 205 9.95 30.06 -17.95
CA GLU A 205 8.91 29.80 -18.94
CA GLU A 205 8.90 29.82 -18.94
C GLU A 205 7.60 30.50 -18.53
N ALA A 206 7.35 30.58 -17.22
CA ALA A 206 6.18 31.32 -16.74
C ALA A 206 6.34 32.81 -17.00
N MET A 207 7.52 33.34 -16.69
CA MET A 207 7.84 34.75 -16.93
CA MET A 207 7.80 34.76 -16.89
C MET A 207 7.47 35.19 -18.33
N ALA A 208 7.88 34.38 -19.30
CA ALA A 208 7.70 34.68 -20.71
C ALA A 208 6.25 34.71 -21.13
N ASP A 209 5.37 34.10 -20.35
CA ASP A 209 3.96 34.02 -20.73
C ASP A 209 3.02 34.87 -19.86
N LEU A 210 3.58 35.63 -18.92
CA LEU A 210 2.75 36.49 -18.06
C LEU A 210 1.95 37.52 -18.85
N HIS A 211 2.47 37.92 -20.00
CA HIS A 211 1.84 38.97 -20.80
C HIS A 211 0.45 38.56 -21.30
N THR A 212 0.14 37.26 -21.22
CA THR A 212 -1.16 36.76 -21.67
C THR A 212 -2.25 36.86 -20.61
N LEU A 213 -1.89 37.21 -19.38
CA LEU A 213 -2.80 37.09 -18.25
C LEU A 213 -3.49 38.37 -17.83
N SER A 214 -4.70 38.22 -17.30
CA SER A 214 -5.42 39.30 -16.63
C SER A 214 -4.72 39.71 -15.36
N GLU A 215 -5.14 40.82 -14.77
CA GLU A 215 -4.59 41.30 -13.51
C GLU A 215 -4.68 40.25 -12.40
N ASP A 216 -5.85 39.65 -12.24
CA ASP A 216 -6.06 38.67 -11.17
C ASP A 216 -5.28 37.38 -11.40
N SER A 217 -5.27 36.90 -12.65
CA SER A 217 -4.50 35.70 -12.99
C SER A 217 -3.00 35.95 -12.84
N TYR A 218 -2.57 37.14 -13.25
CA TYR A 218 -1.18 37.55 -13.07
C TYR A 218 -0.77 37.43 -11.61
N LYS A 219 -1.60 37.93 -10.69
CA LYS A 219 -1.26 37.82 -9.26
C LYS A 219 -1.22 36.35 -8.81
N ASP A 220 -2.20 35.55 -9.22
CA ASP A 220 -2.22 34.11 -8.88
C ASP A 220 -0.91 33.42 -9.27
N SER A 221 -0.49 33.64 -10.52
CA SER A 221 0.70 32.99 -11.03
C SER A 221 1.98 33.55 -10.42
N THR A 222 2.08 34.88 -10.32
CA THR A 222 3.33 35.47 -9.85
C THR A 222 3.60 35.16 -8.39
N LEU A 223 2.56 34.98 -7.57
CA LEU A 223 2.81 34.62 -6.17
C LEU A 223 3.57 33.30 -6.08
N ILE A 224 3.19 32.32 -6.91
CA ILE A 224 3.88 31.04 -6.90
C ILE A 224 5.26 31.15 -7.54
N MET A 225 5.38 31.95 -8.60
CA MET A 225 6.70 32.21 -9.17
C MET A 225 7.65 32.80 -8.14
N GLN A 226 7.12 33.69 -7.30
CA GLN A 226 7.92 34.28 -6.24
C GLN A 226 8.44 33.23 -5.27
N LEU A 227 7.62 32.22 -4.98
CA LEU A 227 8.08 31.11 -4.14
C LEU A 227 9.21 30.32 -4.81
N LEU A 228 9.09 30.11 -6.12
CA LEU A 228 10.16 29.44 -6.86
C LEU A 228 11.46 30.24 -6.77
N ARG A 229 11.36 31.55 -6.94
CA ARG A 229 12.53 32.41 -6.81
C ARG A 229 13.13 32.34 -5.41
N ASP A 230 12.28 32.31 -4.39
CA ASP A 230 12.79 32.24 -3.01
C ASP A 230 13.61 30.97 -2.81
N ASN A 231 13.11 29.85 -3.32
CA ASN A 231 13.86 28.61 -3.17
C ASN A 231 15.15 28.65 -3.98
N LEU A 232 15.11 29.24 -5.17
CA LEU A 232 16.34 29.37 -5.96
C LEU A 232 17.40 30.20 -5.24
N THR A 233 16.99 31.29 -4.61
CA THR A 233 17.92 32.15 -3.88
CA THR A 233 17.94 32.14 -3.89
C THR A 233 18.47 31.43 -2.65
N LEU A 234 17.63 30.61 -2.03
CA LEU A 234 18.05 29.81 -0.89
C LEU A 234 19.09 28.77 -1.30
N TRP A 235 18.87 28.16 -2.46
CA TRP A 235 19.68 27.04 -2.94
C TRP A 235 20.98 27.45 -3.63
N THR A 236 21.07 28.69 -4.06
CA THR A 236 22.21 29.15 -4.83
C THR A 236 22.78 30.43 -4.25
N GLY B 1 19.67 -6.84 3.73
CA GLY B 1 19.41 -7.78 4.81
C GLY B 1 20.67 -8.50 5.26
N ALA B 2 20.57 -9.20 6.38
CA ALA B 2 21.72 -9.83 7.00
C ALA B 2 22.26 -11.02 6.21
N MET B 3 21.54 -11.48 5.21
CA MET B 3 21.97 -12.67 4.47
C MET B 3 22.72 -12.37 3.17
N GLY B 4 22.92 -11.09 2.86
CA GLY B 4 23.55 -10.70 1.62
C GLY B 4 24.96 -11.21 1.41
N SER B 5 25.68 -11.49 2.50
CA SER B 5 27.06 -11.94 2.36
CA SER B 5 27.07 -11.94 2.41
C SER B 5 27.19 -13.45 2.27
N MET B 6 26.08 -14.18 2.38
CA MET B 6 26.13 -15.63 2.31
C MET B 6 25.76 -16.19 0.95
N GLU B 7 26.51 -17.19 0.48
CA GLU B 7 26.22 -17.79 -0.80
CA GLU B 7 26.24 -17.87 -0.79
C GLU B 7 24.83 -18.43 -0.85
N ARG B 8 24.19 -18.34 -2.02
CA ARG B 8 22.84 -18.87 -2.21
C ARG B 8 22.78 -20.35 -1.81
N ALA B 9 23.76 -21.14 -2.21
CA ALA B 9 23.71 -22.57 -1.94
C ALA B 9 23.82 -22.83 -0.45
N SER B 10 24.60 -21.99 0.24
CA SER B 10 24.75 -22.12 1.70
C SER B 10 23.46 -21.77 2.42
N LEU B 11 22.74 -20.76 1.91
CA LEU B 11 21.46 -20.37 2.48
C LEU B 11 20.43 -21.49 2.36
N ILE B 12 20.38 -22.15 1.20
CA ILE B 12 19.46 -23.25 1.00
C ILE B 12 19.81 -24.42 1.92
N GLN B 13 21.10 -24.72 2.03
CA GLN B 13 21.57 -25.75 2.94
C GLN B 13 21.15 -25.47 4.38
N LYS B 14 21.33 -24.22 4.82
CA LYS B 14 20.98 -23.87 6.19
C LYS B 14 19.47 -23.84 6.40
N ALA B 15 18.71 -23.50 5.36
CA ALA B 15 17.26 -23.56 5.48
C ALA B 15 16.81 -24.99 5.79
N LYS B 16 17.44 -25.95 5.13
CA LYS B 16 17.09 -27.36 5.36
C LYS B 16 17.53 -27.84 6.76
N LEU B 17 18.67 -27.36 7.23
CA LEU B 17 19.11 -27.64 8.60
C LEU B 17 18.14 -27.05 9.60
N ALA B 18 17.73 -25.81 9.38
CA ALA B 18 16.79 -25.15 10.27
C ALA B 18 15.47 -25.92 10.33
N GLU B 19 15.02 -26.44 9.19
CA GLU B 19 13.80 -27.23 9.16
C GLU B 19 13.93 -28.48 10.04
N GLN B 20 15.06 -29.17 9.90
CA GLN B 20 15.32 -30.36 10.72
C GLN B 20 15.32 -30.04 12.21
N ALA B 21 15.79 -28.84 12.56
CA ALA B 21 15.85 -28.39 13.94
C ALA B 21 14.56 -27.72 14.41
N GLU B 22 13.57 -27.66 13.52
CA GLU B 22 12.28 -27.01 13.79
C GLU B 22 12.47 -25.53 14.19
N ARG B 23 13.47 -24.91 13.57
CA ARG B 23 13.74 -23.49 13.75
C ARG B 23 13.17 -22.72 12.57
N TYR B 24 11.85 -22.50 12.57
CA TYR B 24 11.19 -22.00 11.38
C TYR B 24 11.44 -20.53 11.11
N GLU B 25 11.69 -19.73 12.15
CA GLU B 25 12.06 -18.33 11.95
CA GLU B 25 12.06 -18.33 11.95
CA GLU B 25 12.04 -18.34 11.93
C GLU B 25 13.40 -18.25 11.22
N ASP B 26 14.36 -19.07 11.66
CA ASP B 26 15.65 -19.15 10.99
C ASP B 26 15.45 -19.61 9.54
N MET B 27 14.64 -20.64 9.37
CA MET B 27 14.38 -21.19 8.04
C MET B 27 13.84 -20.14 7.10
N ALA B 28 12.89 -19.35 7.59
CA ALA B 28 12.29 -18.29 6.77
C ALA B 28 13.33 -17.22 6.43
N ALA B 29 14.18 -16.87 7.39
CA ALA B 29 15.20 -15.86 7.16
C ALA B 29 16.21 -16.33 6.11
N PHE B 30 16.58 -17.61 6.16
CA PHE B 30 17.51 -18.16 5.19
C PHE B 30 16.87 -18.17 3.79
N MET B 31 15.60 -18.55 3.71
CA MET B 31 14.93 -18.59 2.41
C MET B 31 14.69 -17.18 1.87
N LYS B 32 14.41 -16.22 2.73
CA LYS B 32 14.32 -14.83 2.29
C LYS B 32 15.65 -14.40 1.65
N GLY B 33 16.75 -14.73 2.32
CA GLY B 33 18.07 -14.42 1.78
C GLY B 33 18.28 -15.08 0.42
N ALA B 34 17.85 -16.33 0.29
CA ALA B 34 17.99 -17.02 -0.98
C ALA B 34 17.18 -16.34 -2.08
N VAL B 35 15.94 -15.99 -1.78
CA VAL B 35 15.10 -15.30 -2.75
C VAL B 35 15.74 -13.98 -3.19
N GLU B 36 16.30 -13.24 -2.24
CA GLU B 36 16.85 -11.92 -2.54
C GLU B 36 18.16 -11.99 -3.36
N LYS B 37 18.68 -13.19 -3.61
CA LYS B 37 19.77 -13.32 -4.58
C LYS B 37 19.33 -13.02 -6.00
N GLY B 38 18.02 -13.07 -6.25
CA GLY B 38 17.47 -12.68 -7.54
C GLY B 38 17.27 -13.78 -8.56
N GLU B 39 17.62 -15.01 -8.23
CA GLU B 39 17.42 -16.14 -9.14
C GLU B 39 16.08 -16.83 -8.90
N GLU B 40 15.54 -17.45 -9.94
CA GLU B 40 14.31 -18.23 -9.80
C GLU B 40 14.49 -19.36 -8.80
N LEU B 41 13.40 -19.80 -8.19
CA LEU B 41 13.43 -20.94 -7.29
C LEU B 41 12.98 -22.21 -7.99
N SER B 42 13.60 -23.33 -7.63
CA SER B 42 13.12 -24.63 -8.07
C SER B 42 11.83 -24.96 -7.33
N CYS B 43 11.15 -26.03 -7.76
CA CYS B 43 9.93 -26.44 -7.08
C CYS B 43 10.22 -26.78 -5.60
N GLU B 44 11.33 -27.48 -5.37
CA GLU B 44 11.72 -27.82 -4.00
C GLU B 44 11.96 -26.56 -3.18
N GLU B 45 12.65 -25.58 -3.77
CA GLU B 45 12.96 -24.36 -3.05
C GLU B 45 11.74 -23.49 -2.73
N ARG B 46 10.79 -23.36 -3.67
CA ARG B 46 9.61 -22.55 -3.40
CA ARG B 46 9.66 -22.50 -3.33
C ARG B 46 8.76 -23.19 -2.31
N ASN B 47 8.81 -24.51 -2.24
CA ASN B 47 8.09 -25.20 -1.17
C ASN B 47 8.79 -25.03 0.18
N LEU B 48 10.12 -24.96 0.19
CA LEU B 48 10.84 -24.60 1.41
C LEU B 48 10.44 -23.22 1.89
N LEU B 49 10.37 -22.28 0.95
CA LEU B 49 9.95 -20.92 1.26
C LEU B 49 8.57 -20.90 1.88
N SER B 50 7.63 -21.59 1.22
CA SER B 50 6.25 -21.60 1.69
CA SER B 50 6.25 -21.60 1.69
C SER B 50 6.10 -22.27 3.06
N VAL B 51 6.76 -23.41 3.27
CA VAL B 51 6.70 -24.12 4.55
CA VAL B 51 6.59 -24.07 4.55
C VAL B 51 7.19 -23.24 5.68
N ALA B 52 8.32 -22.57 5.44
CA ALA B 52 8.95 -21.76 6.48
C ALA B 52 8.01 -20.65 6.94
N TYR B 53 7.50 -19.87 5.99
CA TYR B 53 6.66 -18.75 6.38
C TYR B 53 5.27 -19.19 6.85
N LYS B 54 4.76 -20.31 6.35
CA LYS B 54 3.47 -20.81 6.81
C LYS B 54 3.57 -21.18 8.29
N ASN B 55 4.69 -21.76 8.69
CA ASN B 55 4.89 -22.11 10.08
C ASN B 55 5.02 -20.88 10.96
N VAL B 56 5.79 -19.90 10.51
CA VAL B 56 5.94 -18.66 11.28
C VAL B 56 4.60 -17.93 11.41
N VAL B 57 3.93 -17.67 10.29
CA VAL B 57 2.69 -16.92 10.35
C VAL B 57 1.59 -17.73 11.05
N GLY B 58 1.64 -19.06 10.90
CA GLY B 58 0.68 -19.91 11.58
C GLY B 58 0.75 -19.77 13.08
N GLY B 59 1.96 -19.69 13.63
CA GLY B 59 2.14 -19.52 15.05
C GLY B 59 1.60 -18.17 15.50
N GLN B 60 1.86 -17.14 14.71
CA GLN B 60 1.37 -15.80 15.04
C GLN B 60 -0.16 -15.72 14.96
N ARG B 61 -0.74 -16.31 13.93
CA ARG B 61 -2.20 -16.30 13.80
C ARG B 61 -2.84 -17.02 14.98
N ALA B 62 -2.27 -18.16 15.38
CA ALA B 62 -2.83 -18.90 16.52
C ALA B 62 -2.74 -18.07 17.80
N ALA B 63 -1.63 -17.39 18.02
CA ALA B 63 -1.48 -16.54 19.20
C ALA B 63 -2.46 -15.37 19.16
N TRP B 64 -2.59 -14.74 17.99
CA TRP B 64 -3.52 -13.63 17.82
C TRP B 64 -4.94 -14.06 18.15
N ARG B 65 -5.33 -15.26 17.72
CA ARG B 65 -6.68 -15.74 18.00
CA ARG B 65 -6.67 -15.76 17.99
C ARG B 65 -6.90 -16.02 19.48
N VAL B 66 -5.88 -16.55 20.16
CA VAL B 66 -5.97 -16.76 21.60
C VAL B 66 -6.22 -15.43 22.31
N LEU B 67 -5.42 -14.43 21.96
CA LEU B 67 -5.51 -13.13 22.62
C LEU B 67 -6.79 -12.40 22.26
N SER B 68 -7.20 -12.49 21.01
CA SER B 68 -8.45 -11.85 20.58
CA SER B 68 -8.45 -11.85 20.56
CA SER B 68 -8.45 -11.85 20.58
C SER B 68 -9.64 -12.45 21.32
N SER B 69 -9.58 -13.76 21.58
CA SER B 69 -10.64 -14.44 22.30
C SER B 69 -10.73 -13.93 23.73
N ILE B 70 -9.57 -13.81 24.38
CA ILE B 70 -9.52 -13.28 25.74
C ILE B 70 -10.03 -11.84 25.76
N GLU B 71 -9.63 -11.06 24.76
CA GLU B 71 -10.01 -9.65 24.66
C GLU B 71 -11.52 -9.48 24.54
N GLN B 72 -12.16 -10.37 23.78
CA GLN B 72 -13.59 -10.24 23.53
C GLN B 72 -14.41 -10.68 24.74
N LYS B 73 -13.84 -11.54 25.59
CA LYS B 73 -14.52 -11.91 26.81
C LYS B 73 -14.40 -10.82 27.86
N SER B 74 -13.47 -9.89 27.63
CA SER B 74 -13.34 -8.72 28.50
C SER B 74 -14.48 -7.74 28.26
N GLU B 81 -13.47 -5.55 34.26
CA GLU B 81 -12.56 -4.60 33.62
C GLU B 81 -11.11 -5.07 33.72
N GLY B 83 -8.28 -3.84 32.19
CA GLY B 83 -7.35 -2.82 31.73
C GLY B 83 -7.02 -2.95 30.27
N PRO B 84 -6.11 -2.10 29.77
CA PRO B 84 -5.72 -2.07 28.36
C PRO B 84 -4.74 -3.18 27.95
N GLU B 85 -4.30 -4.00 28.89
CA GLU B 85 -3.17 -4.89 28.62
C GLU B 85 -3.45 -5.97 27.57
N VAL B 86 -4.63 -6.56 27.57
CA VAL B 86 -4.95 -7.59 26.58
CA VAL B 86 -4.91 -7.61 26.59
C VAL B 86 -4.96 -6.99 25.18
N ARG B 87 -5.60 -5.84 25.04
CA ARG B 87 -5.62 -5.15 23.74
C ARG B 87 -4.21 -4.79 23.32
N GLU B 88 -3.40 -4.24 24.24
CA GLU B 88 -2.05 -3.85 23.90
C GLU B 88 -1.23 -5.03 23.41
N TYR B 89 -1.30 -6.15 24.12
CA TYR B 89 -0.50 -7.30 23.73
C TYR B 89 -1.05 -7.93 22.43
N ARG B 90 -2.36 -7.95 22.26
CA ARG B 90 -2.94 -8.41 20.99
C ARG B 90 -2.41 -7.54 19.85
N GLU B 91 -2.35 -6.22 20.06
CA GLU B 91 -1.85 -5.32 19.04
C GLU B 91 -0.37 -5.56 18.73
N LYS B 92 0.41 -5.91 19.75
CA LYS B 92 1.83 -6.22 19.56
C LYS B 92 2.00 -7.44 18.66
N VAL B 93 1.26 -8.50 18.95
CA VAL B 93 1.31 -9.71 18.14
C VAL B 93 0.81 -9.40 16.72
N GLU B 94 -0.25 -8.60 16.63
CA GLU B 94 -0.81 -8.18 15.37
C GLU B 94 0.23 -7.48 14.48
N THR B 95 0.96 -6.54 15.07
CA THR B 95 1.97 -5.80 14.33
CA THR B 95 1.96 -5.80 14.30
C THR B 95 3.07 -6.73 13.82
N GLU B 96 3.47 -7.70 14.64
CA GLU B 96 4.48 -8.66 14.20
C GLU B 96 3.97 -9.53 13.04
N LEU B 97 2.73 -10.00 13.17
CA LEU B 97 2.09 -10.76 12.10
CA LEU B 97 2.05 -10.73 12.11
C LEU B 97 2.04 -9.94 10.81
N GLN B 98 1.63 -8.68 10.91
CA GLN B 98 1.57 -7.82 9.73
C GLN B 98 2.94 -7.66 9.09
N GLY B 99 3.98 -7.58 9.92
CA GLY B 99 5.34 -7.46 9.43
C GLY B 99 5.77 -8.67 8.62
N VAL B 100 5.44 -9.87 9.10
CA VAL B 100 5.80 -11.08 8.38
C VAL B 100 5.03 -11.18 7.06
N CYS B 101 3.73 -10.89 7.08
CA CYS B 101 2.96 -10.90 5.84
C CYS B 101 3.50 -9.89 4.83
N ASP B 102 3.84 -8.69 5.30
CA ASP B 102 4.42 -7.68 4.41
C ASP B 102 5.74 -8.17 3.81
N THR B 103 6.53 -8.88 4.60
CA THR B 103 7.79 -9.44 4.11
C THR B 103 7.54 -10.45 2.99
N VAL B 104 6.62 -11.38 3.20
CA VAL B 104 6.31 -12.37 2.18
C VAL B 104 5.77 -11.72 0.91
N LEU B 105 4.81 -10.79 1.07
CA LEU B 105 4.24 -10.11 -0.07
C LEU B 105 5.32 -9.33 -0.83
N GLY B 106 6.28 -8.78 -0.09
CA GLY B 106 7.39 -8.08 -0.72
C GLY B 106 8.26 -8.98 -1.58
N LEU B 107 8.51 -10.20 -1.10
CA LEU B 107 9.27 -11.18 -1.89
C LEU B 107 8.52 -11.57 -3.16
N LEU B 108 7.22 -11.77 -3.04
CA LEU B 108 6.38 -12.15 -4.17
C LEU B 108 6.34 -11.05 -5.23
N ASP B 109 6.22 -9.81 -4.79
CA ASP B 109 6.19 -8.68 -5.73
C ASP B 109 7.57 -8.29 -6.25
N SER B 110 8.61 -8.62 -5.52
CA SER B 110 9.96 -8.23 -5.90
C SER B 110 10.95 -9.38 -5.72
N HIS B 111 10.98 -10.34 -6.65
CA HIS B 111 10.26 -10.30 -7.93
C HIS B 111 9.80 -11.69 -8.35
N LEU B 112 9.38 -12.49 -7.38
CA LEU B 112 9.09 -13.90 -7.65
C LEU B 112 8.02 -14.11 -8.71
N ILE B 113 6.91 -13.39 -8.60
CA ILE B 113 5.80 -13.60 -9.52
C ILE B 113 6.19 -13.27 -10.96
N LYS B 114 6.80 -12.11 -11.18
CA LYS B 114 7.09 -11.68 -12.55
C LYS B 114 8.18 -12.53 -13.19
N GLU B 115 9.05 -13.13 -12.38
CA GLU B 115 10.14 -13.95 -12.90
C GLU B 115 9.81 -15.45 -12.98
N ALA B 116 8.64 -15.83 -12.50
CA ALA B 116 8.26 -17.24 -12.51
C ALA B 116 8.20 -17.73 -13.95
N GLY B 117 8.88 -18.83 -14.24
CA GLY B 117 9.11 -19.25 -15.61
C GLY B 117 8.13 -20.24 -16.19
N ASP B 118 7.18 -20.69 -15.38
CA ASP B 118 6.16 -21.62 -15.83
C ASP B 118 4.84 -21.39 -15.09
N ALA B 119 3.77 -21.98 -15.61
CA ALA B 119 2.42 -21.76 -15.09
C ALA B 119 2.27 -22.23 -13.65
N GLU B 120 2.82 -23.41 -13.37
CA GLU B 120 2.74 -23.99 -12.04
C GLU B 120 3.32 -23.06 -10.97
N SER B 121 4.49 -22.50 -11.25
CA SER B 121 5.12 -21.61 -10.28
CA SER B 121 5.15 -21.59 -10.31
C SER B 121 4.37 -20.28 -10.19
N ARG B 122 3.89 -19.77 -11.32
CA ARG B 122 3.17 -18.50 -11.26
CA ARG B 122 3.14 -18.50 -11.31
C ARG B 122 1.90 -18.63 -10.44
N VAL B 123 1.17 -19.73 -10.64
CA VAL B 123 -0.05 -19.97 -9.87
C VAL B 123 0.28 -20.15 -8.39
N PHE B 124 1.34 -20.91 -8.12
CA PHE B 124 1.80 -21.13 -6.74
C PHE B 124 2.05 -19.80 -6.02
N TYR B 125 2.77 -18.90 -6.68
CA TYR B 125 3.11 -17.61 -6.08
C TYR B 125 1.91 -16.67 -5.98
N LEU B 126 1.05 -16.66 -7.00
CA LEU B 126 -0.13 -15.81 -6.94
C LEU B 126 -1.09 -16.30 -5.86
N LYS B 127 -1.21 -17.62 -5.69
CA LYS B 127 -1.99 -18.16 -4.59
C LYS B 127 -1.40 -17.72 -3.26
N MET B 128 -0.08 -17.77 -3.12
CA MET B 128 0.56 -17.28 -1.89
C MET B 128 0.22 -15.82 -1.65
N LYS B 129 0.23 -15.01 -2.71
CA LYS B 129 -0.09 -13.60 -2.58
C LYS B 129 -1.51 -13.42 -2.04
N GLY B 130 -2.46 -14.16 -2.59
CA GLY B 130 -3.82 -14.13 -2.08
C GLY B 130 -3.89 -14.57 -0.62
N ASP B 131 -3.19 -15.65 -0.29
CA ASP B 131 -3.18 -16.17 1.08
C ASP B 131 -2.65 -15.13 2.08
N TYR B 132 -1.54 -14.48 1.76
CA TYR B 132 -0.96 -13.59 2.76
C TYR B 132 -1.71 -12.26 2.85
N TYR B 133 -2.34 -11.81 1.75
CA TYR B 133 -3.27 -10.69 1.88
C TYR B 133 -4.48 -11.13 2.73
N ARG B 134 -4.92 -12.38 2.57
CA ARG B 134 -6.01 -12.88 3.39
C ARG B 134 -5.63 -12.88 4.88
N TYR B 135 -4.39 -13.26 5.22
CA TYR B 135 -3.99 -13.25 6.62
C TYR B 135 -3.98 -11.81 7.16
N LEU B 136 -3.56 -10.85 6.33
CA LEU B 136 -3.66 -9.44 6.71
C LEU B 136 -5.10 -9.02 6.93
N ALA B 137 -6.00 -9.49 6.06
CA ALA B 137 -7.41 -9.12 6.14
C ALA B 137 -8.04 -9.59 7.46
N GLU B 138 -7.58 -10.74 7.95
CA GLU B 138 -8.12 -11.31 9.19
C GLU B 138 -7.95 -10.36 10.38
N VAL B 139 -6.91 -9.53 10.35
CA VAL B 139 -6.63 -8.63 11.48
C VAL B 139 -6.79 -7.14 11.13
N ALA B 140 -7.17 -6.86 9.89
CA ALA B 140 -7.37 -5.49 9.44
C ALA B 140 -8.78 -5.00 9.79
N THR B 141 -9.03 -3.69 9.76
CA THR B 141 -10.35 -3.24 10.21
C THR B 141 -11.18 -2.39 9.24
N GLY B 142 -10.64 -1.25 8.84
CA GLY B 142 -11.50 -0.26 8.20
C GLY B 142 -11.39 -0.20 6.70
N ASP B 143 -11.00 0.97 6.22
CA ASP B 143 -10.73 1.17 4.81
C ASP B 143 -9.52 0.33 4.41
N ASP B 144 -8.60 0.14 5.34
CA ASP B 144 -7.42 -0.70 5.12
C ASP B 144 -7.86 -2.12 4.78
N LYS B 145 -8.79 -2.66 5.56
CA LYS B 145 -9.31 -4.00 5.31
C LYS B 145 -9.94 -4.10 3.92
N LYS B 146 -10.70 -3.09 3.52
CA LYS B 146 -11.32 -3.13 2.19
C LYS B 146 -10.30 -3.15 1.06
N ARG B 147 -9.22 -2.37 1.20
CA ARG B 147 -8.16 -2.39 0.20
C ARG B 147 -7.47 -3.74 0.15
N ILE B 148 -7.23 -4.32 1.33
CA ILE B 148 -6.56 -5.61 1.41
C ILE B 148 -7.42 -6.72 0.78
N ILE B 149 -8.72 -6.67 1.03
CA ILE B 149 -9.65 -7.63 0.46
C ILE B 149 -9.63 -7.59 -1.07
N ASP B 150 -9.62 -6.38 -1.63
CA ASP B 150 -9.55 -6.25 -3.09
C ASP B 150 -8.23 -6.79 -3.63
N SER B 151 -7.14 -6.54 -2.91
CA SER B 151 -5.83 -7.05 -3.31
C SER B 151 -5.79 -8.59 -3.29
N ALA B 152 -6.36 -9.19 -2.25
CA ALA B 152 -6.41 -10.65 -2.18
C ALA B 152 -7.20 -11.23 -3.35
N ARG B 153 -8.38 -10.66 -3.59
CA ARG B 153 -9.26 -11.15 -4.64
C ARG B 153 -8.56 -11.08 -6.01
N SER B 154 -7.87 -9.98 -6.27
CA SER B 154 -7.21 -9.81 -7.57
CA SER B 154 -7.20 -9.80 -7.56
C SER B 154 -6.09 -10.83 -7.76
N ALA B 155 -5.33 -11.12 -6.70
CA ALA B 155 -4.27 -12.11 -6.80
C ALA B 155 -4.84 -13.51 -7.03
N TYR B 156 -5.83 -13.88 -6.23
CA TYR B 156 -6.49 -15.16 -6.41
C TYR B 156 -7.10 -15.29 -7.81
N GLN B 157 -7.74 -14.23 -8.30
CA GLN B 157 -8.40 -14.31 -9.60
C GLN B 157 -7.39 -14.45 -10.72
N GLU B 158 -6.25 -13.77 -10.63
CA GLU B 158 -5.23 -13.95 -11.65
C GLU B 158 -4.71 -15.38 -11.66
N ALA B 159 -4.54 -15.95 -10.47
CA ALA B 159 -4.12 -17.34 -10.36
C ALA B 159 -5.18 -18.27 -10.97
N MET B 160 -6.45 -17.98 -10.73
CA MET B 160 -7.54 -18.78 -11.31
C MET B 160 -7.49 -18.76 -12.84
N ASP B 161 -7.27 -17.58 -13.40
CA ASP B 161 -7.27 -17.43 -14.86
C ASP B 161 -6.17 -18.28 -15.49
N ILE B 162 -4.98 -18.24 -14.90
CA ILE B 162 -3.87 -19.03 -15.40
C ILE B 162 -4.13 -20.52 -15.24
N SER B 163 -4.63 -20.92 -14.06
CA SER B 163 -4.82 -22.33 -13.79
C SER B 163 -5.85 -22.95 -14.73
N LYS B 164 -6.89 -22.21 -15.09
CA LYS B 164 -7.91 -22.78 -15.96
CA LYS B 164 -7.93 -22.72 -15.97
C LYS B 164 -7.40 -22.91 -17.39
N LYS B 165 -6.46 -22.06 -17.78
CA LYS B 165 -5.92 -22.11 -19.12
C LYS B 165 -4.76 -23.12 -19.24
N GLU B 166 -4.05 -23.36 -18.15
CA GLU B 166 -2.79 -24.11 -18.23
C GLU B 166 -2.74 -25.43 -17.48
N MET B 167 -3.70 -25.67 -16.60
CA MET B 167 -3.72 -26.88 -15.77
C MET B 167 -4.99 -27.68 -15.93
N PRO B 168 -4.90 -29.02 -15.84
CA PRO B 168 -6.15 -29.80 -15.88
C PRO B 168 -6.99 -29.59 -14.61
N PRO B 169 -8.31 -29.82 -14.71
CA PRO B 169 -9.20 -29.51 -13.57
C PRO B 169 -8.95 -30.39 -12.34
N THR B 170 -8.19 -31.47 -12.47
CA THR B 170 -7.86 -32.32 -11.33
C THR B 170 -6.51 -31.99 -10.69
N ASN B 171 -5.77 -31.07 -11.29
CA ASN B 171 -4.44 -30.71 -10.80
CA ASN B 171 -4.44 -30.71 -10.80
C ASN B 171 -4.50 -30.23 -9.35
N PRO B 172 -3.69 -30.84 -8.46
CA PRO B 172 -3.78 -30.46 -7.04
C PRO B 172 -3.50 -28.99 -6.74
N ILE B 173 -2.60 -28.34 -7.47
CA ILE B 173 -2.34 -26.93 -7.21
CA ILE B 173 -2.33 -26.92 -7.27
C ILE B 173 -3.57 -26.10 -7.58
N ARG B 174 -4.18 -26.41 -8.71
CA ARG B 174 -5.39 -25.74 -9.12
C ARG B 174 -6.51 -25.95 -8.09
N LEU B 175 -6.66 -27.18 -7.62
CA LEU B 175 -7.69 -27.50 -6.63
C LEU B 175 -7.47 -26.76 -5.31
N GLY B 176 -6.23 -26.71 -4.86
CA GLY B 176 -5.89 -26.02 -3.61
C GLY B 176 -6.10 -24.53 -3.70
N LEU B 177 -5.82 -23.96 -4.88
CA LEU B 177 -6.10 -22.55 -5.14
C LEU B 177 -7.59 -22.28 -5.01
N ALA B 178 -8.41 -23.11 -5.64
CA ALA B 178 -9.86 -22.92 -5.60
C ALA B 178 -10.37 -23.06 -4.17
N LEU B 179 -9.81 -24.00 -3.43
CA LEU B 179 -10.16 -24.19 -2.03
C LEU B 179 -9.92 -22.90 -1.24
N ASN B 180 -8.71 -22.36 -1.34
CA ASN B 180 -8.39 -21.16 -0.55
C ASN B 180 -9.16 -19.94 -1.01
N PHE B 181 -9.35 -19.79 -2.32
CA PHE B 181 -10.12 -18.67 -2.84
C PHE B 181 -11.57 -18.75 -2.35
N SER B 182 -12.14 -19.95 -2.31
CA SER B 182 -13.52 -20.10 -1.83
CA SER B 182 -13.50 -20.15 -1.80
C SER B 182 -13.59 -19.77 -0.33
N VAL B 183 -12.57 -20.14 0.45
CA VAL B 183 -12.51 -19.77 1.86
C VAL B 183 -12.45 -18.25 2.02
N PHE B 184 -11.65 -17.60 1.17
CA PHE B 184 -11.60 -16.14 1.13
C PHE B 184 -12.99 -15.55 0.91
N HIS B 185 -13.71 -16.05 -0.08
CA HIS B 185 -15.04 -15.53 -0.38
C HIS B 185 -15.94 -15.63 0.84
N TYR B 186 -15.92 -16.78 1.50
CA TYR B 186 -16.84 -17.02 2.59
C TYR B 186 -16.43 -16.30 3.88
N GLU B 187 -15.19 -16.46 4.28
CA GLU B 187 -14.71 -16.00 5.59
C GLU B 187 -14.31 -14.54 5.63
N ILE B 188 -13.88 -14.00 4.50
CA ILE B 188 -13.27 -12.68 4.47
C ILE B 188 -14.13 -11.66 3.73
N ALA B 189 -14.56 -12.04 2.53
CA ALA B 189 -15.25 -11.11 1.64
C ALA B 189 -16.76 -11.10 1.85
N ASN B 190 -17.23 -11.91 2.81
CA ASN B 190 -18.65 -12.08 3.07
C ASN B 190 -19.46 -12.28 1.81
N SER B 191 -18.95 -13.17 0.97
CA SER B 191 -19.61 -13.52 -0.28
CA SER B 191 -19.60 -13.52 -0.29
C SER B 191 -19.87 -15.01 -0.33
N PRO B 192 -20.85 -15.49 0.46
CA PRO B 192 -21.10 -16.93 0.54
C PRO B 192 -21.52 -17.55 -0.80
N GLU B 193 -22.25 -16.79 -1.62
CA GLU B 193 -22.70 -17.32 -2.90
C GLU B 193 -21.52 -17.59 -3.83
N GLU B 194 -20.55 -16.68 -3.85
CA GLU B 194 -19.36 -16.87 -4.66
C GLU B 194 -18.53 -18.03 -4.13
N ALA B 195 -18.47 -18.16 -2.81
CA ALA B 195 -17.72 -19.26 -2.19
C ALA B 195 -18.30 -20.60 -2.61
N ILE B 196 -19.61 -20.73 -2.48
CA ILE B 196 -20.31 -21.97 -2.81
C ILE B 196 -20.21 -22.29 -4.30
N SER B 197 -20.44 -21.29 -5.14
CA SER B 197 -20.35 -21.47 -6.58
CA SER B 197 -20.36 -21.47 -6.58
C SER B 197 -18.98 -21.95 -7.02
N LEU B 198 -17.93 -21.35 -6.45
CA LEU B 198 -16.58 -21.71 -6.83
C LEU B 198 -16.26 -23.13 -6.37
N ALA B 199 -16.59 -23.46 -5.12
CA ALA B 199 -16.29 -24.79 -4.60
C ALA B 199 -17.04 -25.86 -5.40
N LYS B 200 -18.30 -25.60 -5.71
CA LYS B 200 -19.14 -26.53 -6.44
C LYS B 200 -18.64 -26.76 -7.88
N THR B 201 -18.38 -25.69 -8.60
CA THR B 201 -17.87 -25.80 -9.96
C THR B 201 -16.53 -26.55 -9.98
N THR B 202 -15.67 -26.24 -9.02
CA THR B 202 -14.37 -26.89 -8.94
C THR B 202 -14.53 -28.38 -8.70
N PHE B 203 -15.41 -28.73 -7.77
CA PHE B 203 -15.71 -30.13 -7.44
C PHE B 203 -16.19 -30.89 -8.67
N ASP B 204 -17.19 -30.34 -9.36
CA ASP B 204 -17.78 -31.02 -10.52
C ASP B 204 -16.80 -31.20 -11.67
N GLU B 205 -16.00 -30.16 -11.93
CA GLU B 205 -15.08 -30.22 -13.06
C GLU B 205 -13.93 -31.19 -12.78
N ALA B 206 -13.55 -31.34 -11.52
CA ALA B 206 -12.57 -32.35 -11.16
C ALA B 206 -13.17 -33.76 -11.26
N MET B 207 -14.39 -33.93 -10.76
CA MET B 207 -15.06 -35.23 -10.79
C MET B 207 -15.15 -35.79 -12.21
N ALA B 208 -15.40 -34.91 -13.18
CA ALA B 208 -15.52 -35.31 -14.58
C ALA B 208 -14.30 -36.07 -15.09
N ASP B 209 -13.12 -35.79 -14.55
CA ASP B 209 -11.88 -36.36 -15.07
C ASP B 209 -11.25 -37.43 -14.19
N LEU B 210 -11.88 -37.75 -13.06
CA LEU B 210 -11.27 -38.69 -12.11
C LEU B 210 -10.96 -40.04 -12.75
N HIS B 211 -11.81 -40.47 -13.67
CA HIS B 211 -11.66 -41.80 -14.29
C HIS B 211 -10.40 -41.91 -15.15
N THR B 212 -9.77 -40.78 -15.48
CA THR B 212 -8.56 -40.79 -16.31
C THR B 212 -7.27 -40.86 -15.50
N LEU B 213 -7.38 -40.80 -14.19
CA LEU B 213 -6.21 -40.66 -13.34
C LEU B 213 -5.61 -41.98 -12.89
N SER B 214 -4.31 -41.97 -12.65
CA SER B 214 -3.63 -43.05 -11.96
C SER B 214 -4.17 -43.16 -10.54
N GLU B 215 -3.84 -44.24 -9.84
CA GLU B 215 -4.31 -44.43 -8.47
C GLU B 215 -3.80 -43.31 -7.55
N ASP B 216 -2.52 -42.99 -7.66
CA ASP B 216 -1.94 -41.94 -6.83
C ASP B 216 -2.52 -40.56 -7.12
N SER B 217 -2.73 -40.24 -8.40
CA SER B 217 -3.32 -38.95 -8.76
C SER B 217 -4.78 -38.87 -8.34
N TYR B 218 -5.49 -39.99 -8.46
CA TYR B 218 -6.87 -40.06 -8.00
C TYR B 218 -6.93 -39.75 -6.50
N LYS B 219 -6.00 -40.33 -5.75
CA LYS B 219 -5.91 -40.06 -4.31
C LYS B 219 -5.64 -38.59 -4.03
N ASP B 220 -4.66 -38.02 -4.74
CA ASP B 220 -4.30 -36.62 -4.57
C ASP B 220 -5.49 -35.70 -4.80
N SER B 221 -6.20 -35.95 -5.91
CA SER B 221 -7.29 -35.09 -6.30
C SER B 221 -8.52 -35.24 -5.40
N THR B 222 -8.89 -36.48 -5.06
CA THR B 222 -10.08 -36.67 -4.25
C THR B 222 -9.84 -36.18 -2.82
N LEU B 223 -8.60 -36.19 -2.36
CA LEU B 223 -8.28 -35.64 -1.05
C LEU B 223 -8.70 -34.17 -0.98
N ILE B 224 -8.30 -33.39 -1.97
CA ILE B 224 -8.61 -31.97 -1.94
C ILE B 224 -10.09 -31.74 -2.29
N MET B 225 -10.67 -32.58 -3.14
CA MET B 225 -12.11 -32.51 -3.37
C MET B 225 -12.89 -32.69 -2.07
N GLN B 226 -12.40 -33.55 -1.19
CA GLN B 226 -13.07 -33.76 0.09
C GLN B 226 -12.94 -32.52 1.00
N LEU B 227 -11.85 -31.78 0.87
CA LEU B 227 -11.72 -30.51 1.59
C LEU B 227 -12.75 -29.49 1.07
N LEU B 228 -12.92 -29.45 -0.26
CA LEU B 228 -13.97 -28.62 -0.84
C LEU B 228 -15.34 -29.05 -0.32
N ARG B 229 -15.56 -30.36 -0.29
CA ARG B 229 -16.82 -30.92 0.18
C ARG B 229 -17.08 -30.58 1.64
N ASP B 230 -16.06 -30.68 2.49
CA ASP B 230 -16.23 -30.34 3.91
C ASP B 230 -16.72 -28.91 4.06
N ASN B 231 -16.17 -28.01 3.26
CA ASN B 231 -16.59 -26.62 3.34
C ASN B 231 -18.01 -26.42 2.79
N LEU B 232 -18.35 -27.08 1.67
CA LEU B 232 -19.71 -26.99 1.13
C LEU B 232 -20.74 -27.45 2.16
N THR B 233 -20.44 -28.52 2.88
CA THR B 233 -21.33 -29.01 3.92
C THR B 233 -21.48 -27.99 5.05
N LEU B 234 -20.37 -27.37 5.43
CA LEU B 234 -20.38 -26.37 6.50
C LEU B 234 -21.15 -25.11 6.09
N TRP B 235 -21.07 -24.77 4.81
CA TRP B 235 -21.71 -23.56 4.29
C TRP B 235 -23.16 -23.81 3.90
N ARG C 2 13.81 22.92 6.66
CA ARG C 2 14.01 22.46 5.33
C ARG C 2 13.51 23.48 4.34
N THR C 3 13.66 23.20 2.91
CA THR C 3 13.19 24.14 1.96
C THR C 3 11.69 24.17 2.02
N PRO C 4 10.98 25.43 1.97
CA PRO C 4 9.54 25.52 2.02
C PRO C 4 8.89 24.99 0.79
N LEU C 6 4.79 24.31 -1.35
CA LEU C 6 3.65 25.19 -1.61
C LEU C 6 2.85 25.34 -0.32
N PRO C 7 2.60 26.68 0.20
CA PRO C 7 1.89 26.92 1.44
C PRO C 7 0.38 26.98 1.31
N THR C 8 -0.20 26.92 0.01
CA THR C 8 -1.62 27.02 -0.15
C THR C 8 -2.26 25.66 -0.10
N THR D 3 -13.63 -21.49 8.70
CA THR D 3 -13.53 -22.46 7.65
C THR D 3 -12.07 -22.76 7.37
N PRO D 4 -11.62 -24.15 7.28
CA PRO D 4 -10.26 -24.55 7.05
C PRO D 4 -9.79 -24.33 5.65
N LEU D 6 -6.17 -24.78 2.77
CA LEU D 6 -5.33 -25.91 2.48
C LEU D 6 -4.30 -26.13 3.58
N PRO D 7 -4.08 -27.49 4.12
CA PRO D 7 -3.11 -27.79 5.15
C PRO D 7 -1.67 -27.64 4.57
N THR D 8 -0.48 -27.41 5.36
CA THR D 8 -0.44 -27.34 6.78
C THR D 8 0.19 -26.02 7.17
#